data_6T82
#
_entry.id   6T82
#
_cell.length_a   63.025
_cell.length_b   89.355
_cell.length_c   61.434
_cell.angle_alpha   90.000
_cell.angle_beta   97.070
_cell.angle_gamma   90.000
#
_symmetry.space_group_name_H-M   'C 1 2 1'
#
loop_
_entity.id
_entity.type
_entity.pdbx_description
1 polymer 'Genome polyprotein'
2 polymer 'Genome polyprotein'
3 non-polymer 'DIMETHYL SULFOXIDE'
4 non-polymer 'PHOSPHATE ION'
5 non-polymer 4,6-dimethyl-~{N}-phenyl-pyrimidin-2-amine
6 water water
#
loop_
_entity_poly.entity_id
_entity_poly.type
_entity_poly.pdbx_seq_one_letter_code
_entity_poly.pdbx_strand_id
1 'polypeptide(L)'
;APPTLWSRVTKFGSGWGFWVSPTVFITTTHVIPTSAKEFFGEPLTSIAIHRAGEFTLFRFSKKIRPDLTGMILEEGCPEG
TVCSVLIKRDSGELLPLAVRMGAIASMRIQGRLVHGQSGMLLTGANAKGMDLGTIPGDCGAPYVYKRANDWVVCGVHAAA
TKSGNTVVCAVQA
;
A
2 'polypeptide(L)'
;PTLWSRVTKFGSGWGFWVSPTVFITTTHVIPTSAKEFFGEPLTSIAIHRAGEFTLFRFSKKIRPDLTGMILEEGCPEGTV
CSVLIKRDSGELLPLAVRMGAIASMRIQGRLVHGQSGMLLTGANAKGMDLGTIPGDCGAPYVYKRANDWVVCGVHAAATK
SGNTVVCAVQA
;
B
#
loop_
_chem_comp.id
_chem_comp.type
_chem_comp.name
_chem_comp.formula
DMS non-polymer 'DIMETHYL SULFOXIDE' 'C2 H6 O S'
MUK non-polymer 4,6-dimethyl-~{N}-phenyl-pyrimidin-2-amine 'C12 H13 N3'
PO4 non-polymer 'PHOSPHATE ION' 'O4 P -3'
#
# COMPACT_ATOMS: atom_id res chain seq x y z
N ALA A 1 -4.94 2.62 -8.66
CA ALA A 1 -6.44 2.60 -8.75
C ALA A 1 -6.82 3.88 -9.47
N PRO A 2 -7.89 3.91 -10.28
CA PRO A 2 -8.18 5.08 -11.10
C PRO A 2 -8.38 6.38 -10.32
N PRO A 3 -7.86 7.52 -10.87
CA PRO A 3 -8.16 8.83 -10.27
C PRO A 3 -9.62 9.11 -9.91
N THR A 4 -10.60 8.63 -10.69
N THR A 4 -10.57 8.59 -10.69
CA THR A 4 -12.03 8.88 -10.35
CA THR A 4 -12.00 8.83 -10.44
C THR A 4 -12.37 8.19 -9.02
C THR A 4 -12.40 8.15 -9.12
N LEU A 5 -11.77 7.05 -8.72
CA LEU A 5 -12.09 6.42 -7.40
C LEU A 5 -11.46 7.25 -6.27
N TRP A 6 -10.22 7.72 -6.42
CA TRP A 6 -9.62 8.53 -5.35
C TRP A 6 -10.42 9.85 -5.14
N SER A 7 -10.95 10.44 -6.23
CA SER A 7 -11.73 11.70 -6.17
CA SER A 7 -11.72 11.72 -6.16
C SER A 7 -12.99 11.54 -5.31
N ARG A 8 -13.49 10.31 -5.16
CA ARG A 8 -14.75 10.05 -4.41
C ARG A 8 -14.47 9.87 -2.90
N VAL A 9 -13.22 9.71 -2.51
CA VAL A 9 -12.83 9.46 -1.10
C VAL A 9 -12.74 10.85 -0.41
N THR A 10 -13.57 11.08 0.60
CA THR A 10 -13.83 12.41 1.21
C THR A 10 -13.58 12.40 2.71
N LYS A 11 -12.79 13.35 3.23
CA LYS A 11 -12.54 13.44 4.69
C LYS A 11 -13.89 13.74 5.40
N PHE A 12 -14.22 13.00 6.46
CA PHE A 12 -15.58 13.01 7.05
C PHE A 12 -15.53 12.56 8.50
N GLY A 13 -16.03 13.41 9.42
CA GLY A 13 -15.98 13.13 10.85
C GLY A 13 -14.59 12.73 11.29
N SER A 14 -14.46 11.62 12.00
CA SER A 14 -13.17 11.06 12.46
C SER A 14 -12.54 10.10 11.44
N GLY A 15 -13.01 10.09 10.20
CA GLY A 15 -12.42 9.19 9.17
C GLY A 15 -12.78 9.69 7.78
N TRP A 16 -13.49 8.87 7.02
CA TRP A 16 -13.75 9.06 5.57
C TRP A 16 -15.14 8.59 5.17
N GLY A 17 -15.55 9.03 4.02
CA GLY A 17 -16.65 8.38 3.28
C GLY A 17 -16.43 8.44 1.79
N PHE A 18 -17.40 7.93 1.04
CA PHE A 18 -17.23 7.68 -0.40
C PHE A 18 -18.51 7.96 -1.17
N TRP A 19 -18.36 8.77 -2.24
CA TRP A 19 -19.44 9.06 -3.18
C TRP A 19 -19.59 7.96 -4.27
N VAL A 20 -20.63 7.16 -4.08
CA VAL A 20 -21.08 6.18 -5.09
C VAL A 20 -21.62 6.84 -6.38
N SER A 21 -22.28 8.00 -6.23
CA SER A 21 -22.96 8.70 -7.33
C SER A 21 -23.06 10.18 -6.93
N PRO A 22 -23.62 11.08 -7.78
CA PRO A 22 -23.84 12.46 -7.38
C PRO A 22 -24.74 12.66 -6.15
N THR A 23 -25.63 11.71 -5.81
CA THR A 23 -26.56 11.84 -4.66
C THR A 23 -26.30 10.84 -3.53
N VAL A 24 -25.41 9.84 -3.69
CA VAL A 24 -25.29 8.75 -2.69
C VAL A 24 -23.86 8.77 -2.10
N PHE A 25 -23.82 8.86 -0.76
CA PHE A 25 -22.57 8.87 0.06
C PHE A 25 -22.62 7.77 1.12
N ILE A 26 -21.61 6.93 1.18
CA ILE A 26 -21.54 5.83 2.19
C ILE A 26 -20.37 6.07 3.16
N THR A 27 -20.49 5.58 4.40
CA THR A 27 -19.43 5.73 5.43
C THR A 27 -19.66 4.68 6.53
N THR A 28 -18.74 4.65 7.48
CA THR A 28 -18.79 3.76 8.63
C THR A 28 -19.55 4.52 9.72
N THR A 29 -20.52 3.89 10.38
CA THR A 29 -21.47 4.62 11.25
C THR A 29 -20.72 5.36 12.38
N HIS A 30 -19.73 4.73 13.02
CA HIS A 30 -19.12 5.35 14.23
C HIS A 30 -18.28 6.57 13.85
N VAL A 31 -17.97 6.85 12.58
CA VAL A 31 -17.14 8.06 12.28
C VAL A 31 -18.04 9.29 12.13
N ILE A 32 -19.37 9.14 12.05
CA ILE A 32 -20.30 10.26 11.81
C ILE A 32 -20.31 11.14 13.06
N PRO A 33 -20.18 12.48 12.91
CA PRO A 33 -20.34 13.38 14.07
C PRO A 33 -21.77 13.33 14.66
N THR A 34 -21.91 12.96 15.95
CA THR A 34 -23.20 12.56 16.60
CA THR A 34 -23.20 12.56 16.62
C THR A 34 -24.14 13.77 16.75
N SER A 35 -23.62 14.98 16.93
CA SER A 35 -24.47 16.20 17.06
C SER A 35 -24.84 16.84 15.69
N ALA A 36 -24.36 16.30 14.55
CA ALA A 36 -24.48 17.02 13.26
C ALA A 36 -25.92 16.97 12.72
N LYS A 37 -26.39 18.11 12.21
CA LYS A 37 -27.74 18.43 11.68
C LYS A 37 -27.68 18.97 10.25
N GLU A 38 -26.47 19.07 9.65
CA GLU A 38 -26.28 19.59 8.27
C GLU A 38 -25.07 18.88 7.60
N PHE A 39 -25.21 18.43 6.36
CA PHE A 39 -24.17 17.71 5.57
C PHE A 39 -24.15 18.26 4.14
N PHE A 40 -23.02 18.85 3.75
CA PHE A 40 -22.84 19.42 2.40
C PHE A 40 -23.89 20.52 2.17
N GLY A 41 -24.13 21.30 3.20
CA GLY A 41 -25.07 22.44 3.19
C GLY A 41 -26.55 22.04 3.16
N GLU A 42 -26.90 20.79 3.43
CA GLU A 42 -28.29 20.26 3.33
C GLU A 42 -28.75 19.90 4.74
N PRO A 43 -29.97 20.28 5.17
CA PRO A 43 -30.49 19.84 6.45
C PRO A 43 -30.86 18.34 6.45
N LEU A 44 -30.88 17.71 7.62
CA LEU A 44 -31.38 16.32 7.83
C LEU A 44 -32.69 16.04 7.09
N THR A 45 -33.63 16.99 7.08
CA THR A 45 -34.97 16.83 6.46
C THR A 45 -34.85 16.45 4.99
N SER A 46 -33.80 16.89 4.29
CA SER A 46 -33.67 16.69 2.83
C SER A 46 -32.75 15.52 2.53
N ILE A 47 -32.49 14.66 3.52
CA ILE A 47 -31.58 13.48 3.34
C ILE A 47 -32.25 12.21 3.84
N ALA A 48 -32.22 11.14 3.04
CA ALA A 48 -32.65 9.80 3.45
C ALA A 48 -31.45 9.00 3.97
N ILE A 49 -31.42 8.78 5.28
CA ILE A 49 -30.34 8.05 5.98
C ILE A 49 -30.78 6.60 6.27
N HIS A 50 -30.01 5.63 5.77
CA HIS A 50 -30.22 4.16 5.86
C HIS A 50 -29.03 3.54 6.61
N ARG A 51 -29.26 3.06 7.82
CA ARG A 51 -28.19 2.62 8.74
C ARG A 51 -28.40 1.13 8.99
N ALA A 52 -27.37 0.32 8.78
CA ALA A 52 -27.34 -1.12 9.15
C ALA A 52 -26.04 -1.42 9.89
N GLY A 53 -26.07 -1.45 11.22
CA GLY A 53 -24.88 -1.58 12.08
C GLY A 53 -23.86 -0.52 11.71
N GLU A 54 -22.64 -0.93 11.34
CA GLU A 54 -21.50 -0.03 11.04
C GLU A 54 -21.56 0.49 9.59
N PHE A 55 -22.58 0.15 8.78
CA PHE A 55 -22.76 0.70 7.42
C PHE A 55 -23.85 1.79 7.41
N THR A 56 -23.50 2.98 6.92
CA THR A 56 -24.49 4.08 6.76
C THR A 56 -24.48 4.61 5.32
N LEU A 57 -25.65 4.74 4.71
CA LEU A 57 -25.84 5.33 3.36
C LEU A 57 -26.68 6.61 3.50
N PHE A 58 -26.18 7.69 2.90
CA PHE A 58 -26.86 9.01 2.82
C PHE A 58 -27.31 9.20 1.36
N ARG A 59 -28.61 9.40 1.14
CA ARG A 59 -29.15 9.74 -0.20
C ARG A 59 -29.69 11.16 -0.17
N PHE A 60 -29.10 12.06 -0.97
CA PHE A 60 -29.46 13.49 -0.99
C PHE A 60 -30.55 13.73 -2.03
N SER A 61 -31.34 14.79 -1.81
N SER A 61 -31.39 14.73 -1.78
CA SER A 61 -32.46 15.21 -2.68
CA SER A 61 -32.45 15.19 -2.70
C SER A 61 -31.98 16.14 -3.81
C SER A 61 -31.81 15.85 -3.93
N LYS A 62 -30.72 16.61 -3.75
CA LYS A 62 -30.07 17.29 -4.88
C LYS A 62 -28.70 16.69 -5.11
N LYS A 63 -28.16 16.94 -6.30
CA LYS A 63 -26.82 16.46 -6.76
C LYS A 63 -25.70 17.27 -6.11
N ILE A 64 -25.05 16.65 -5.14
CA ILE A 64 -23.92 17.26 -4.39
C ILE A 64 -22.63 17.16 -5.23
N ARG A 65 -22.40 16.00 -5.90
CA ARG A 65 -21.18 15.72 -6.71
C ARG A 65 -21.56 15.45 -8.17
N PRO A 66 -21.98 16.50 -8.92
CA PRO A 66 -22.37 16.30 -10.33
C PRO A 66 -21.21 16.00 -11.29
N ASP A 67 -19.98 16.13 -10.81
CA ASP A 67 -18.78 15.74 -11.56
C ASP A 67 -18.72 14.22 -11.71
N LEU A 68 -19.44 13.47 -10.85
CA LEU A 68 -19.28 11.99 -10.79
C LEU A 68 -20.33 11.26 -11.62
N THR A 69 -19.94 10.10 -12.16
CA THR A 69 -20.87 9.05 -12.68
C THR A 69 -21.32 8.10 -11.53
N GLY A 70 -22.58 7.62 -11.50
CA GLY A 70 -22.97 6.54 -10.58
C GLY A 70 -22.23 5.23 -10.91
N MET A 71 -21.69 4.56 -9.88
CA MET A 71 -21.00 3.25 -10.08
C MET A 71 -21.75 2.15 -9.31
N ILE A 72 -21.32 0.86 -9.45
CA ILE A 72 -21.99 -0.30 -8.78
C ILE A 72 -21.52 -0.40 -7.31
N LEU A 73 -22.47 -0.47 -6.37
CA LEU A 73 -22.34 -0.83 -4.94
C LEU A 73 -22.98 -2.21 -4.71
N GLU A 74 -22.18 -3.14 -4.23
CA GLU A 74 -22.66 -4.48 -3.88
C GLU A 74 -22.49 -4.78 -2.41
N GLU A 75 -23.16 -5.85 -1.98
CA GLU A 75 -23.23 -6.29 -0.56
C GLU A 75 -22.07 -7.26 -0.33
N GLY A 76 -20.88 -6.72 -0.09
CA GLY A 76 -19.64 -7.51 -0.04
C GLY A 76 -19.32 -8.16 -1.37
N CYS A 77 -18.42 -9.15 -1.35
CA CYS A 77 -17.87 -9.81 -2.54
C CYS A 77 -17.64 -11.30 -2.27
N PRO A 78 -17.43 -12.11 -3.31
CA PRO A 78 -17.17 -13.53 -3.12
C PRO A 78 -15.92 -13.75 -2.25
N GLU A 79 -15.95 -14.82 -1.48
CA GLU A 79 -14.73 -15.30 -0.81
C GLU A 79 -13.63 -15.50 -1.82
N GLY A 80 -12.43 -15.03 -1.47
CA GLY A 80 -11.24 -15.14 -2.30
C GLY A 80 -10.99 -13.95 -3.17
N THR A 81 -11.97 -13.03 -3.27
CA THR A 81 -11.72 -11.78 -4.02
C THR A 81 -10.58 -11.00 -3.36
N VAL A 82 -9.70 -10.44 -4.15
CA VAL A 82 -8.70 -9.47 -3.65
C VAL A 82 -9.24 -8.07 -3.91
N CYS A 83 -9.41 -7.32 -2.84
CA CYS A 83 -9.80 -5.88 -2.89
C CYS A 83 -8.60 -4.98 -2.57
N SER A 84 -8.77 -3.72 -2.95
CA SER A 84 -7.93 -2.60 -2.48
C SER A 84 -8.75 -1.75 -1.50
N VAL A 85 -8.15 -1.37 -0.36
CA VAL A 85 -8.78 -0.40 0.56
C VAL A 85 -8.16 0.99 0.27
N LEU A 86 -8.97 1.95 -0.19
CA LEU A 86 -8.38 3.22 -0.71
C LEU A 86 -8.15 4.19 0.44
N ILE A 87 -6.96 4.13 1.03
CA ILE A 87 -6.58 4.90 2.25
C ILE A 87 -5.73 6.12 1.86
N LYS A 88 -6.14 7.30 2.33
CA LYS A 88 -5.35 8.57 2.21
C LYS A 88 -4.56 8.77 3.51
N ARG A 89 -3.28 9.18 3.37
CA ARG A 89 -2.35 9.42 4.50
C ARG A 89 -1.59 10.73 4.34
N ASP A 90 -0.98 11.16 5.43
CA ASP A 90 -0.37 12.49 5.60
C ASP A 90 0.47 12.72 4.36
N SER A 91 -0.16 13.46 3.45
CA SER A 91 0.53 14.43 2.56
C SER A 91 0.28 14.16 1.07
N GLY A 92 -0.96 14.00 0.66
CA GLY A 92 -1.28 13.50 -0.70
C GLY A 92 -0.63 12.13 -0.99
N GLU A 93 -0.28 11.34 0.05
CA GLU A 93 0.12 9.92 -0.24
C GLU A 93 -1.14 9.04 -0.25
N LEU A 94 -1.17 8.12 -1.21
CA LEU A 94 -2.32 7.27 -1.52
C LEU A 94 -1.88 5.83 -1.26
N LEU A 95 -2.60 5.12 -0.39
CA LEU A 95 -2.20 3.76 0.05
C LEU A 95 -3.32 2.77 -0.32
N PRO A 96 -3.32 2.18 -1.52
CA PRO A 96 -4.33 1.15 -1.87
C PRO A 96 -3.93 -0.23 -1.30
N LEU A 97 -4.30 -0.49 -0.03
CA LEU A 97 -3.81 -1.71 0.63
C LEU A 97 -4.54 -2.94 0.07
N ALA A 98 -3.76 -3.97 -0.30
CA ALA A 98 -4.33 -5.23 -0.84
C ALA A 98 -4.86 -6.10 0.32
N VAL A 99 -6.03 -6.71 0.11
N VAL A 99 -6.03 -6.71 0.13
CA VAL A 99 -6.72 -7.51 1.16
CA VAL A 99 -6.68 -7.53 1.20
C VAL A 99 -7.39 -8.71 0.51
C VAL A 99 -7.41 -8.69 0.56
N ARG A 100 -7.16 -9.91 1.05
CA ARG A 100 -7.91 -11.11 0.58
C ARG A 100 -9.20 -11.27 1.41
N MET A 101 -10.36 -11.27 0.77
CA MET A 101 -11.63 -11.27 1.52
C MET A 101 -12.07 -12.71 1.81
N GLY A 102 -12.69 -12.85 2.98
CA GLY A 102 -13.23 -14.11 3.48
C GLY A 102 -14.71 -14.07 3.81
N ALA A 103 -15.13 -14.85 4.82
CA ALA A 103 -16.57 -14.99 5.17
C ALA A 103 -17.06 -13.75 5.93
N ILE A 104 -18.39 -13.59 5.92
CA ILE A 104 -19.11 -12.67 6.85
C ILE A 104 -18.87 -13.23 8.27
N ALA A 105 -18.57 -12.36 9.22
CA ALA A 105 -18.06 -12.70 10.57
C ALA A 105 -18.60 -11.75 11.62
N SER A 106 -18.84 -12.28 12.83
CA SER A 106 -19.07 -11.53 14.07
C SER A 106 -17.89 -11.75 15.01
N MET A 107 -17.28 -10.64 15.45
CA MET A 107 -16.00 -10.62 16.18
C MET A 107 -16.10 -9.62 17.35
N ARG A 108 -15.25 -9.78 18.34
CA ARG A 108 -14.99 -8.80 19.44
C ARG A 108 -13.59 -8.22 19.26
N ILE A 109 -13.52 -6.89 19.05
CA ILE A 109 -12.26 -6.12 18.79
C ILE A 109 -12.16 -4.93 19.74
N GLN A 110 -11.09 -4.90 20.53
CA GLN A 110 -10.88 -3.86 21.56
C GLN A 110 -12.21 -3.73 22.33
N GLY A 111 -12.81 -4.86 22.74
CA GLY A 111 -14.05 -4.89 23.53
C GLY A 111 -15.35 -4.63 22.74
N ARG A 112 -15.33 -3.91 21.60
CA ARG A 112 -16.55 -3.62 20.77
C ARG A 112 -16.99 -4.85 19.95
N LEU A 113 -18.30 -5.04 19.74
CA LEU A 113 -18.81 -6.16 18.90
C LEU A 113 -18.96 -5.63 17.46
N VAL A 114 -18.36 -6.34 16.50
N VAL A 114 -18.33 -6.27 16.49
CA VAL A 114 -18.24 -5.92 15.08
CA VAL A 114 -18.38 -5.79 15.09
C VAL A 114 -18.78 -7.03 14.16
C VAL A 114 -18.76 -6.97 14.17
N HIS A 115 -19.57 -6.65 13.16
CA HIS A 115 -20.15 -7.59 12.19
C HIS A 115 -19.87 -7.06 10.80
N GLY A 116 -19.26 -7.85 9.93
CA GLY A 116 -19.18 -7.51 8.50
C GLY A 116 -18.37 -8.55 7.73
N GLN A 117 -17.79 -8.21 6.60
CA GLN A 117 -16.99 -9.17 5.79
C GLN A 117 -15.54 -9.09 6.29
N SER A 118 -15.04 -10.21 6.80
CA SER A 118 -13.63 -10.35 7.22
C SER A 118 -12.66 -10.42 6.02
N GLY A 119 -11.43 -9.96 6.22
CA GLY A 119 -10.34 -10.12 5.25
C GLY A 119 -9.00 -10.12 5.92
N MET A 120 -7.94 -10.50 5.19
CA MET A 120 -6.57 -10.58 5.71
C MET A 120 -5.64 -9.79 4.75
N LEU A 121 -4.85 -8.87 5.34
CA LEU A 121 -3.98 -8.02 4.52
C LEU A 121 -2.95 -8.85 3.76
N LEU A 122 -2.63 -8.38 2.52
CA LEU A 122 -1.62 -9.03 1.65
C LEU A 122 -0.41 -8.10 1.49
N THR A 123 -0.15 -7.24 2.50
CA THR A 123 0.93 -6.21 2.43
C THR A 123 2.24 -6.69 3.07
N GLY A 124 2.21 -7.75 3.89
CA GLY A 124 3.38 -8.24 4.64
C GLY A 124 2.91 -9.20 5.73
N ALA A 125 3.82 -9.70 6.55
CA ALA A 125 3.49 -10.77 7.55
C ALA A 125 2.96 -10.19 8.86
N ASN A 126 3.47 -9.04 9.30
CA ASN A 126 3.09 -8.46 10.61
C ASN A 126 2.78 -7.00 10.31
N ALA A 127 1.48 -6.73 10.12
CA ALA A 127 0.95 -5.47 9.58
C ALA A 127 0.44 -4.58 10.72
N LYS A 128 0.96 -4.74 11.92
CA LYS A 128 0.55 -3.83 13.01
C LYS A 128 1.18 -2.49 12.67
N GLY A 129 0.44 -1.42 12.62
CA GLY A 129 1.14 -0.14 12.44
C GLY A 129 0.93 0.46 11.09
N MET A 130 1.39 1.69 10.96
CA MET A 130 0.87 2.57 9.89
C MET A 130 1.59 2.31 8.54
N ASP A 131 2.77 1.65 8.52
CA ASP A 131 3.53 1.50 7.23
C ASP A 131 2.89 0.42 6.31
N LEU A 132 2.39 -0.68 6.89
CA LEU A 132 1.88 -1.84 6.12
C LEU A 132 0.41 -2.11 6.45
N GLY A 133 -0.16 -1.47 7.48
CA GLY A 133 -1.50 -1.79 7.97
C GLY A 133 -2.37 -0.54 8.18
N THR A 134 -3.49 -0.75 8.81
CA THR A 134 -4.52 0.29 9.02
C THR A 134 -4.31 0.98 10.37
N ILE A 135 -4.91 2.14 10.51
CA ILE A 135 -4.98 2.92 11.78
C ILE A 135 -6.45 3.35 11.98
N PRO A 136 -6.85 3.77 13.21
CA PRO A 136 -8.25 4.15 13.45
C PRO A 136 -8.82 5.22 12.52
N GLY A 137 -7.95 6.18 12.11
CA GLY A 137 -8.30 7.26 11.18
C GLY A 137 -8.70 6.79 9.78
N ASP A 138 -8.46 5.51 9.43
CA ASP A 138 -8.82 4.96 8.10
C ASP A 138 -10.28 4.49 8.04
N CYS A 139 -11.00 4.45 9.14
CA CYS A 139 -12.41 3.99 9.12
C CYS A 139 -13.24 4.83 8.16
N GLY A 140 -14.05 4.14 7.36
CA GLY A 140 -14.90 4.67 6.27
C GLY A 140 -14.24 4.59 4.87
N ALA A 141 -12.95 4.27 4.78
CA ALA A 141 -12.27 4.10 3.46
C ALA A 141 -12.97 2.97 2.68
N PRO A 142 -13.13 3.11 1.36
CA PRO A 142 -13.81 2.07 0.59
C PRO A 142 -12.99 0.83 0.22
N TYR A 143 -13.71 -0.33 0.16
CA TYR A 143 -13.15 -1.58 -0.40
C TYR A 143 -13.62 -1.68 -1.85
N VAL A 144 -12.68 -1.79 -2.79
CA VAL A 144 -12.99 -1.78 -4.25
C VAL A 144 -12.24 -2.92 -4.95
N TYR A 145 -12.80 -3.41 -6.06
CA TYR A 145 -12.08 -4.37 -6.93
C TYR A 145 -12.56 -4.18 -8.36
N LYS A 146 -11.71 -4.63 -9.28
CA LYS A 146 -12.02 -4.59 -10.74
C LYS A 146 -12.62 -5.93 -11.15
N ARG A 147 -13.76 -5.87 -11.85
CA ARG A 147 -14.48 -7.09 -12.30
C ARG A 147 -14.71 -6.94 -13.78
N ALA A 148 -13.90 -7.64 -14.59
CA ALA A 148 -13.79 -7.50 -16.05
C ALA A 148 -13.51 -6.01 -16.31
N ASN A 149 -14.42 -5.29 -16.98
CA ASN A 149 -14.13 -3.94 -17.50
C ASN A 149 -14.40 -2.84 -16.49
N ASP A 150 -15.11 -3.13 -15.41
CA ASP A 150 -15.47 -2.03 -14.47
C ASP A 150 -15.06 -2.31 -13.03
N TRP A 151 -15.12 -1.26 -12.23
CA TRP A 151 -14.82 -1.33 -10.78
C TRP A 151 -16.12 -1.33 -9.97
N VAL A 152 -16.06 -2.04 -8.86
CA VAL A 152 -17.14 -2.31 -7.88
C VAL A 152 -16.65 -1.76 -6.52
N VAL A 153 -17.54 -1.15 -5.78
CA VAL A 153 -17.37 -0.86 -4.34
C VAL A 153 -18.25 -1.84 -3.56
N CYS A 154 -17.66 -2.45 -2.53
CA CYS A 154 -18.39 -3.52 -1.82
C CYS A 154 -18.44 -3.33 -0.31
N GLY A 155 -17.92 -2.22 0.23
CA GLY A 155 -18.10 -1.86 1.65
C GLY A 155 -17.17 -0.76 2.09
N VAL A 156 -17.16 -0.54 3.41
CA VAL A 156 -16.31 0.52 4.05
C VAL A 156 -15.58 -0.04 5.27
N HIS A 157 -14.39 0.49 5.52
CA HIS A 157 -13.49 -0.03 6.60
C HIS A 157 -14.08 0.24 7.97
N ALA A 158 -14.35 -0.81 8.77
CA ALA A 158 -14.93 -0.67 10.09
C ALA A 158 -13.96 -0.91 11.24
N ALA A 159 -13.06 -1.89 11.13
CA ALA A 159 -12.18 -2.29 12.25
C ALA A 159 -10.99 -3.10 11.75
N ALA A 160 -9.97 -3.19 12.63
CA ALA A 160 -8.84 -4.10 12.45
C ALA A 160 -8.48 -4.69 13.80
N THR A 161 -8.00 -5.94 13.81
CA THR A 161 -7.57 -6.58 15.07
C THR A 161 -6.31 -5.94 15.64
N LYS A 162 -6.05 -6.15 16.93
CA LYS A 162 -4.81 -5.68 17.61
C LYS A 162 -3.59 -6.09 16.78
N SER A 163 -3.51 -7.35 16.26
CA SER A 163 -2.33 -7.82 15.48
C SER A 163 -2.24 -7.07 14.15
N GLY A 164 -3.40 -6.59 13.69
CA GLY A 164 -3.55 -5.81 12.45
C GLY A 164 -3.65 -6.68 11.20
N ASN A 165 -3.47 -8.01 11.27
CA ASN A 165 -3.55 -8.87 10.05
C ASN A 165 -5.01 -9.02 9.53
N THR A 166 -6.03 -9.00 10.42
CA THR A 166 -7.45 -9.15 10.04
C THR A 166 -8.14 -7.77 10.02
N VAL A 167 -8.95 -7.52 8.99
CA VAL A 167 -9.78 -6.29 8.84
C VAL A 167 -11.23 -6.69 8.63
N VAL A 168 -12.15 -5.79 8.97
CA VAL A 168 -13.58 -6.00 8.69
C VAL A 168 -14.14 -4.82 7.87
N CYS A 169 -14.78 -5.17 6.75
CA CYS A 169 -15.50 -4.34 5.75
C CYS A 169 -16.99 -4.27 6.20
N ALA A 170 -17.55 -3.14 6.64
CA ALA A 170 -19.03 -3.08 6.86
C ALA A 170 -19.76 -3.08 5.52
N VAL A 171 -20.86 -3.87 5.40
CA VAL A 171 -21.55 -4.13 4.12
C VAL A 171 -23.03 -3.68 4.21
N GLN A 172 -23.57 -3.31 3.06
CA GLN A 172 -24.99 -2.95 2.89
C GLN A 172 -25.82 -4.23 3.09
N ALA A 173 -26.94 -4.10 3.79
CA ALA A 173 -27.90 -5.21 4.07
C ALA A 173 -29.25 -4.90 3.43
N PRO B 1 7.67 10.11 11.60
CA PRO B 1 8.76 9.12 11.30
C PRO B 1 8.29 7.88 10.48
N THR B 2 8.79 7.62 9.25
CA THR B 2 8.22 6.53 8.40
C THR B 2 9.30 5.86 7.54
N LEU B 3 9.14 4.56 7.39
CA LEU B 3 9.91 3.78 6.41
C LEU B 3 9.77 4.40 5.01
N TRP B 4 8.56 4.84 4.64
CA TRP B 4 8.21 5.33 3.29
C TRP B 4 9.06 6.55 2.93
N SER B 5 9.41 7.39 3.93
CA SER B 5 10.23 8.60 3.56
C SER B 5 11.61 8.22 3.07
N ARG B 6 12.09 7.02 3.39
CA ARG B 6 13.46 6.58 2.97
C ARG B 6 13.46 6.18 1.48
N VAL B 7 12.30 5.84 0.90
CA VAL B 7 12.16 5.40 -0.53
C VAL B 7 12.21 6.67 -1.39
N THR B 8 13.20 6.79 -2.26
CA THR B 8 13.54 8.05 -3.02
C THR B 8 13.63 7.78 -4.52
N LYS B 9 13.06 8.64 -5.36
CA LYS B 9 13.20 8.45 -6.82
C LYS B 9 14.67 8.65 -7.24
N PHE B 10 15.22 7.79 -8.11
CA PHE B 10 16.66 7.81 -8.43
C PHE B 10 16.95 7.18 -9.80
N GLY B 11 17.55 7.94 -10.74
CA GLY B 11 17.87 7.33 -12.02
C GLY B 11 16.61 6.90 -12.77
N SER B 12 16.59 5.70 -13.31
CA SER B 12 15.43 5.13 -14.01
C SER B 12 14.55 4.31 -13.03
N GLY B 13 14.81 4.42 -11.73
CA GLY B 13 14.02 3.72 -10.70
C GLY B 13 14.00 4.46 -9.36
N TRP B 14 14.37 3.75 -8.30
CA TRP B 14 14.23 4.17 -6.89
C TRP B 14 15.49 3.69 -6.14
N GLY B 15 15.62 4.14 -4.93
CA GLY B 15 16.55 3.67 -3.89
C GLY B 15 16.02 3.89 -2.48
N PHE B 16 16.82 3.56 -1.49
CA PHE B 16 16.45 3.52 -0.07
C PHE B 16 17.60 3.99 0.84
N TRP B 17 17.28 4.99 1.69
CA TRP B 17 18.17 5.50 2.78
C TRP B 17 18.16 4.54 3.99
N VAL B 18 19.27 3.80 4.13
CA VAL B 18 19.51 2.96 5.32
C VAL B 18 19.85 3.80 6.55
N SER B 19 20.54 4.91 6.33
CA SER B 19 21.02 5.82 7.40
C SER B 19 21.26 7.21 6.78
N PRO B 20 21.62 8.23 7.57
CA PRO B 20 21.95 9.55 7.00
C PRO B 20 23.01 9.60 5.88
N THR B 21 23.91 8.60 5.80
CA THR B 21 25.06 8.57 4.87
C THR B 21 25.02 7.36 3.91
N VAL B 22 24.09 6.42 4.10
CA VAL B 22 24.08 5.15 3.28
C VAL B 22 22.76 5.06 2.49
N PHE B 23 22.91 4.92 1.17
CA PHE B 23 21.84 4.77 0.16
C PHE B 23 22.05 3.48 -0.67
N ILE B 24 21.01 2.63 -0.82
CA ILE B 24 21.11 1.37 -1.60
C ILE B 24 20.15 1.48 -2.80
N THR B 25 20.50 0.84 -3.93
CA THR B 25 19.71 0.86 -5.16
C THR B 25 20.10 -0.32 -6.03
N THR B 26 19.37 -0.47 -7.14
CA THR B 26 19.65 -1.54 -8.13
C THR B 26 20.65 -0.95 -9.13
N THR B 27 21.67 -1.69 -9.44
CA THR B 27 22.82 -1.23 -10.25
C THR B 27 22.27 -0.68 -11.60
N HIS B 28 21.35 -1.36 -12.27
CA HIS B 28 21.02 -0.96 -13.67
C HIS B 28 20.19 0.33 -13.73
N VAL B 29 19.70 0.87 -12.61
CA VAL B 29 18.90 2.13 -12.64
C VAL B 29 19.83 3.36 -12.48
N ILE B 30 21.08 3.18 -12.06
CA ILE B 30 22.02 4.32 -11.81
C ILE B 30 22.37 5.00 -13.13
N PRO B 31 22.34 6.35 -13.19
CA PRO B 31 22.88 7.04 -14.36
C PRO B 31 24.32 6.63 -14.69
N THR B 32 24.66 6.55 -15.99
CA THR B 32 26.04 6.27 -16.45
C THR B 32 26.76 7.55 -16.87
N SER B 33 26.08 8.70 -16.85
CA SER B 33 26.70 10.04 -16.99
CA SER B 33 26.67 10.05 -17.02
C SER B 33 26.33 10.90 -15.78
N ALA B 34 27.27 11.18 -14.89
CA ALA B 34 27.01 12.01 -13.69
C ALA B 34 28.31 12.56 -13.08
N LYS B 35 28.26 13.77 -12.52
CA LYS B 35 29.38 14.35 -11.72
C LYS B 35 28.99 14.48 -10.25
N GLU B 36 27.69 14.33 -9.91
CA GLU B 36 27.18 14.51 -8.53
C GLU B 36 25.94 13.63 -8.36
N PHE B 37 25.72 13.19 -7.14
CA PHE B 37 24.38 12.70 -6.69
C PHE B 37 23.96 13.39 -5.39
N PHE B 38 22.70 13.82 -5.33
CA PHE B 38 22.09 14.46 -4.13
C PHE B 38 22.94 15.67 -3.72
N GLY B 39 23.63 16.28 -4.69
CA GLY B 39 24.38 17.54 -4.47
C GLY B 39 25.80 17.31 -3.99
N GLU B 40 26.24 16.06 -3.97
CA GLU B 40 27.57 15.70 -3.44
C GLU B 40 28.40 15.27 -4.63
N PRO B 41 29.62 15.84 -4.80
CA PRO B 41 30.50 15.44 -5.89
C PRO B 41 30.82 13.95 -5.83
N LEU B 42 30.75 13.32 -7.00
CA LEU B 42 31.00 11.87 -7.16
C LEU B 42 32.37 11.52 -6.60
N THR B 43 33.32 12.45 -6.69
CA THR B 43 34.65 12.32 -6.06
C THR B 43 34.54 11.93 -4.57
N SER B 44 33.52 12.37 -3.83
CA SER B 44 33.45 12.19 -2.36
C SER B 44 32.50 11.04 -1.98
N ILE B 45 32.08 10.23 -2.96
CA ILE B 45 31.10 9.12 -2.74
C ILE B 45 31.83 7.81 -3.02
N ALA B 46 31.83 6.92 -2.03
CA ALA B 46 32.23 5.50 -2.13
C ALA B 46 31.09 4.68 -2.73
N ILE B 47 31.35 3.99 -3.83
CA ILE B 47 30.39 3.13 -4.55
C ILE B 47 30.89 1.69 -4.34
N HIS B 48 30.05 0.82 -3.76
CA HIS B 48 30.31 -0.63 -3.56
C HIS B 48 29.28 -1.42 -4.39
N ARG B 49 29.73 -2.10 -5.41
CA ARG B 49 28.82 -2.77 -6.39
C ARG B 49 29.05 -4.26 -6.28
N ALA B 50 27.99 -5.04 -6.18
CA ALA B 50 27.97 -6.53 -6.25
C ALA B 50 26.83 -6.94 -7.16
N GLY B 51 27.09 -7.21 -8.44
CA GLY B 51 26.04 -7.55 -9.42
C GLY B 51 24.97 -6.47 -9.44
N GLU B 52 23.71 -6.83 -9.22
CA GLU B 52 22.58 -5.86 -9.28
C GLU B 52 22.39 -5.08 -7.98
N PHE B 53 23.20 -5.26 -6.94
CA PHE B 53 23.17 -4.49 -5.68
C PHE B 53 24.24 -3.40 -5.69
N THR B 54 23.89 -2.13 -5.44
CA THR B 54 24.89 -1.06 -5.24
C THR B 54 24.59 -0.34 -3.92
N LEU B 55 25.64 -0.10 -3.15
CA LEU B 55 25.61 0.74 -1.95
C LEU B 55 26.47 2.00 -2.14
N PHE B 56 25.92 3.18 -1.84
CA PHE B 56 26.65 4.48 -1.82
CA PHE B 56 26.66 4.48 -1.81
C PHE B 56 26.91 4.85 -0.36
N ARG B 57 28.12 5.26 -0.04
CA ARG B 57 28.45 5.83 1.29
CA ARG B 57 28.38 5.87 1.29
C ARG B 57 28.89 7.30 1.08
N PHE B 58 28.11 8.28 1.56
CA PHE B 58 28.42 9.73 1.41
C PHE B 58 29.37 10.19 2.52
N SER B 59 30.19 11.23 2.26
CA SER B 59 31.12 11.77 3.27
C SER B 59 30.46 12.85 4.16
N LYS B 60 29.22 13.25 3.91
CA LYS B 60 28.45 14.03 4.92
C LYS B 60 27.00 13.51 5.06
N LYS B 61 26.28 13.99 6.07
CA LYS B 61 24.90 13.52 6.36
C LYS B 61 23.96 14.15 5.34
N ILE B 62 23.40 13.34 4.45
CA ILE B 62 22.41 13.81 3.43
C ILE B 62 21.02 13.79 4.02
N ARG B 63 20.73 12.82 4.89
CA ARG B 63 19.40 12.63 5.52
C ARG B 63 19.58 12.55 7.04
N PRO B 64 19.94 13.68 7.70
CA PRO B 64 20.15 13.67 9.14
C PRO B 64 18.90 13.44 9.99
N ASP B 65 17.71 13.51 9.38
CA ASP B 65 16.43 13.26 10.03
C ASP B 65 16.28 11.76 10.34
N LEU B 66 17.10 10.90 9.75
CA LEU B 66 16.89 9.43 9.88
C LEU B 66 17.80 8.81 10.93
N THR B 67 17.34 7.73 11.56
CA THR B 67 18.23 6.80 12.30
C THR B 67 18.80 5.74 11.34
N GLY B 68 19.84 5.06 11.76
CA GLY B 68 20.43 3.95 11.01
C GLY B 68 19.64 2.66 11.21
N MET B 69 19.37 1.94 10.13
CA MET B 69 18.60 0.67 10.15
C MET B 69 19.53 -0.53 9.96
N ILE B 70 19.03 -1.73 10.34
CA ILE B 70 19.72 -3.03 10.13
C ILE B 70 19.63 -3.40 8.64
N LEU B 71 20.77 -3.51 7.96
CA LEU B 71 20.90 -4.05 6.59
C LEU B 71 21.57 -5.44 6.60
N GLU B 72 20.88 -6.46 6.09
CA GLU B 72 21.44 -7.86 6.03
C GLU B 72 21.54 -8.38 4.58
N GLU B 73 22.31 -9.46 4.38
CA GLU B 73 22.56 -10.09 3.05
CA GLU B 73 22.55 -10.10 3.06
C GLU B 73 21.41 -11.06 2.78
N GLY B 74 20.28 -10.55 2.32
CA GLY B 74 19.11 -11.44 2.19
C GLY B 74 18.47 -11.79 3.52
N CYS B 75 17.56 -12.79 3.50
CA CYS B 75 16.84 -13.23 4.70
C CYS B 75 16.69 -14.73 4.69
N PRO B 76 16.29 -15.34 5.82
CA PRO B 76 16.13 -16.78 5.85
C PRO B 76 15.05 -17.19 4.84
N GLU B 77 15.27 -18.33 4.23
CA GLU B 77 14.29 -18.93 3.29
C GLU B 77 12.92 -19.08 3.98
N GLY B 78 11.85 -18.66 3.31
CA GLY B 78 10.47 -18.66 3.82
C GLY B 78 10.03 -17.36 4.49
N THR B 79 10.96 -16.45 4.77
CA THR B 79 10.57 -15.15 5.33
C THR B 79 9.58 -14.47 4.38
N VAL B 80 8.51 -13.89 4.92
CA VAL B 80 7.60 -13.03 4.10
C VAL B 80 8.04 -11.57 4.26
N CYS B 81 8.57 -11.00 3.17
CA CYS B 81 8.98 -9.60 3.12
C CYS B 81 7.87 -8.74 2.51
N SER B 82 8.04 -7.41 2.64
CA SER B 82 7.26 -6.40 1.90
C SER B 82 8.20 -5.68 0.94
N VAL B 83 7.79 -5.57 -0.32
CA VAL B 83 8.49 -4.70 -1.28
C VAL B 83 7.78 -3.35 -1.19
N LEU B 84 8.56 -2.28 -0.93
CA LEU B 84 7.93 -0.95 -0.65
C LEU B 84 7.95 -0.11 -1.95
N ILE B 85 6.96 -0.36 -2.81
CA ILE B 85 6.84 0.25 -4.16
C ILE B 85 6.26 1.69 -4.01
N LYS B 86 6.97 2.68 -4.56
CA LYS B 86 6.36 4.01 -4.87
C LYS B 86 6.07 4.14 -6.38
N ARG B 87 4.99 4.79 -6.71
CA ARG B 87 4.55 5.08 -8.11
C ARG B 87 4.49 6.60 -8.33
N ASP B 88 4.74 7.01 -9.57
CA ASP B 88 4.67 8.45 -9.91
C ASP B 88 3.23 8.99 -9.78
N SER B 89 2.18 8.18 -9.73
CA SER B 89 0.80 8.65 -9.37
C SER B 89 0.74 9.24 -7.94
N GLY B 90 1.65 8.90 -7.05
CA GLY B 90 1.61 9.26 -5.63
C GLY B 90 1.11 8.06 -4.78
N GLU B 91 0.94 6.90 -5.38
CA GLU B 91 0.54 5.66 -4.67
C GLU B 91 1.75 4.98 -4.05
N LEU B 92 1.49 4.43 -2.87
CA LEU B 92 2.40 3.59 -2.07
C LEU B 92 1.83 2.16 -2.07
N LEU B 93 2.59 1.17 -2.58
CA LEU B 93 2.08 -0.21 -2.80
C LEU B 93 2.97 -1.20 -2.07
N PRO B 94 2.71 -1.48 -0.77
CA PRO B 94 3.46 -2.53 -0.07
C PRO B 94 2.90 -3.91 -0.45
N LEU B 95 3.70 -4.75 -1.09
CA LEU B 95 3.27 -6.12 -1.53
C LEU B 95 4.03 -7.20 -0.75
N ALA B 96 3.28 -8.18 -0.24
CA ALA B 96 3.86 -9.34 0.43
C ALA B 96 4.53 -10.26 -0.63
N VAL B 97 5.71 -10.71 -0.29
CA VAL B 97 6.53 -11.60 -1.14
C VAL B 97 7.15 -12.69 -0.27
N ARG B 98 6.94 -13.99 -0.64
CA ARG B 98 7.58 -15.12 0.10
C ARG B 98 8.97 -15.37 -0.50
N MET B 99 10.03 -15.22 0.29
CA MET B 99 11.42 -15.34 -0.20
C MET B 99 11.86 -16.81 -0.18
N GLY B 100 12.58 -17.16 -1.23
CA GLY B 100 13.13 -18.51 -1.45
C GLY B 100 14.65 -18.48 -1.46
N ALA B 101 15.24 -19.29 -2.33
CA ALA B 101 16.67 -19.53 -2.37
C ALA B 101 17.37 -18.40 -3.11
N ILE B 102 18.63 -18.25 -2.76
CA ILE B 102 19.57 -17.49 -3.61
C ILE B 102 19.83 -18.31 -4.88
N ALA B 103 19.73 -17.68 -6.05
CA ALA B 103 19.79 -18.41 -7.32
C ALA B 103 20.12 -17.49 -8.48
N SER B 104 20.46 -18.09 -9.62
N SER B 104 20.54 -18.10 -9.58
CA SER B 104 20.57 -17.40 -10.93
CA SER B 104 20.60 -17.48 -10.94
C SER B 104 19.38 -17.81 -11.79
C SER B 104 19.29 -17.83 -11.64
N MET B 105 18.52 -16.83 -12.03
CA MET B 105 17.16 -17.10 -12.53
C MET B 105 17.09 -16.56 -13.91
N ARG B 106 16.31 -17.26 -14.70
CA ARG B 106 16.08 -16.82 -16.09
C ARG B 106 14.76 -16.02 -16.06
N ILE B 107 14.91 -14.70 -16.26
CA ILE B 107 13.80 -13.72 -16.13
C ILE B 107 13.73 -12.94 -17.44
N GLN B 108 12.70 -13.20 -18.26
CA GLN B 108 12.61 -12.64 -19.63
C GLN B 108 13.98 -12.78 -20.39
N GLY B 109 14.39 -14.08 -20.54
CA GLY B 109 15.58 -14.48 -21.32
C GLY B 109 16.88 -13.85 -20.83
N ARG B 110 16.99 -13.43 -19.58
CA ARG B 110 18.27 -12.87 -19.09
C ARG B 110 18.54 -13.53 -17.73
N LEU B 111 19.84 -13.67 -17.39
CA LEU B 111 20.27 -14.23 -16.09
C LEU B 111 20.39 -13.12 -15.05
N VAL B 112 19.66 -13.29 -13.96
CA VAL B 112 19.73 -12.37 -12.81
C VAL B 112 20.08 -13.19 -11.57
N HIS B 113 21.06 -12.74 -10.80
CA HIS B 113 21.47 -13.43 -9.53
C HIS B 113 20.95 -12.65 -8.31
N GLY B 114 20.27 -13.34 -7.39
CA GLY B 114 19.83 -12.79 -6.11
C GLY B 114 18.90 -13.72 -5.37
N GLN B 115 18.12 -13.18 -4.46
CA GLN B 115 17.19 -14.01 -3.65
C GLN B 115 15.86 -14.04 -4.40
N SER B 116 15.46 -15.23 -4.85
CA SER B 116 14.15 -15.44 -5.49
C SER B 116 13.00 -15.10 -4.52
N GLY B 117 11.86 -14.68 -5.07
CA GLY B 117 10.61 -14.56 -4.29
C GLY B 117 9.36 -14.78 -5.12
N MET B 118 8.23 -15.03 -4.47
CA MET B 118 6.92 -15.22 -5.12
C MET B 118 5.95 -14.20 -4.50
N LEU B 119 5.35 -13.37 -5.35
CA LEU B 119 4.27 -12.43 -4.93
C LEU B 119 3.12 -13.23 -4.31
N LEU B 120 2.55 -12.72 -3.20
CA LEU B 120 1.41 -13.39 -2.49
C LEU B 120 0.06 -12.69 -2.76
N THR B 121 -0.03 -11.87 -3.81
CA THR B 121 -1.24 -11.07 -4.13
C THR B 121 -2.11 -11.74 -5.18
N GLY B 122 -1.73 -12.93 -5.64
CA GLY B 122 -2.65 -13.89 -6.27
C GLY B 122 -2.69 -13.76 -7.78
N ALA B 123 -3.56 -14.58 -8.40
CA ALA B 123 -3.53 -15.02 -9.83
C ALA B 123 -2.97 -13.92 -10.71
N ASN B 124 -3.53 -12.71 -10.59
CA ASN B 124 -3.15 -11.63 -11.50
C ASN B 124 -3.35 -10.32 -10.76
N ALA B 125 -3.02 -9.20 -11.41
CA ALA B 125 -3.40 -7.83 -11.01
C ALA B 125 -4.73 -7.45 -11.72
N LYS B 126 -4.84 -7.67 -13.03
CA LYS B 126 -5.79 -6.94 -13.93
C LYS B 126 -5.23 -5.52 -14.08
N GLY B 127 -6.09 -4.50 -14.08
CA GLY B 127 -5.70 -3.11 -13.82
C GLY B 127 -5.49 -2.85 -12.34
N MET B 128 -5.45 -3.90 -11.49
CA MET B 128 -5.36 -3.70 -10.02
C MET B 128 -3.89 -3.57 -9.55
N ASP B 129 -3.74 -2.81 -8.47
CA ASP B 129 -2.44 -2.48 -7.82
C ASP B 129 -1.93 -3.67 -7.00
N LEU B 130 -1.48 -4.71 -7.69
CA LEU B 130 -1.15 -6.01 -7.05
C LEU B 130 0.19 -6.58 -7.55
N GLY B 131 0.87 -5.97 -8.53
CA GLY B 131 2.16 -6.54 -9.01
C GLY B 131 3.17 -5.45 -9.33
N THR B 132 4.39 -5.86 -9.69
CA THR B 132 5.47 -4.91 -10.05
C THR B 132 5.38 -4.54 -11.52
N ILE B 133 6.03 -3.41 -11.86
CA ILE B 133 6.30 -2.93 -13.26
C ILE B 133 7.78 -2.57 -13.36
N PRO B 134 8.37 -2.50 -14.59
CA PRO B 134 9.82 -2.27 -14.68
C PRO B 134 10.31 -0.97 -13.98
N GLY B 135 9.49 0.08 -13.93
CA GLY B 135 9.91 1.33 -13.27
C GLY B 135 10.02 1.21 -11.75
N ASP B 136 9.61 0.08 -11.15
CA ASP B 136 9.74 -0.13 -9.69
C ASP B 136 11.17 -0.55 -9.25
N CYS B 137 12.09 -0.83 -10.15
CA CYS B 137 13.44 -1.37 -9.79
C CYS B 137 14.17 -0.39 -8.81
N GLY B 138 14.79 -0.96 -7.77
CA GLY B 138 15.45 -0.28 -6.64
C GLY B 138 14.59 -0.20 -5.37
N ALA B 139 13.30 -0.52 -5.43
CA ALA B 139 12.44 -0.49 -4.22
C ALA B 139 12.97 -1.52 -3.22
N PRO B 140 12.96 -1.22 -1.91
CA PRO B 140 13.56 -2.10 -0.93
C PRO B 140 12.64 -3.28 -0.49
N TYR B 141 13.29 -4.38 -0.13
CA TYR B 141 12.62 -5.53 0.55
C TYR B 141 12.85 -5.41 2.08
N VAL B 142 11.77 -5.40 2.88
CA VAL B 142 11.86 -5.21 4.34
C VAL B 142 11.00 -6.25 5.08
N TYR B 143 11.36 -6.51 6.33
CA TYR B 143 10.48 -7.29 7.24
C TYR B 143 10.73 -6.89 8.69
N LYS B 144 9.75 -7.16 9.54
CA LYS B 144 9.81 -6.85 11.01
C LYS B 144 10.32 -8.09 11.77
N ARG B 145 11.30 -7.87 12.61
CA ARG B 145 11.93 -8.93 13.42
C ARG B 145 12.18 -8.39 14.83
N ALA B 146 11.59 -9.02 15.83
CA ALA B 146 11.49 -8.45 17.19
C ALA B 146 10.88 -7.04 17.02
N ASN B 147 11.50 -6.02 17.58
CA ASN B 147 10.99 -4.63 17.49
C ASN B 147 11.62 -3.92 16.30
N ASP B 148 12.51 -4.58 15.54
N ASP B 148 12.28 -4.67 15.39
CA ASP B 148 13.28 -3.84 14.49
CA ASP B 148 13.34 -4.14 14.50
C ASP B 148 12.77 -4.20 13.11
C ASP B 148 12.94 -4.29 13.03
N TRP B 149 12.86 -3.19 12.26
CA TRP B 149 12.75 -3.27 10.78
C TRP B 149 14.11 -3.76 10.29
N VAL B 150 14.12 -4.71 9.38
CA VAL B 150 15.32 -5.22 8.66
C VAL B 150 15.13 -4.95 7.15
N VAL B 151 16.15 -4.41 6.47
CA VAL B 151 16.15 -4.20 5.03
C VAL B 151 17.08 -5.30 4.51
N CYS B 152 16.64 -6.08 3.53
CA CYS B 152 17.52 -7.18 3.07
C CYS B 152 17.86 -7.18 1.60
N GLY B 153 17.43 -6.21 0.82
CA GLY B 153 17.92 -6.03 -0.56
C GLY B 153 16.99 -5.09 -1.34
N VAL B 154 17.14 -5.06 -2.66
CA VAL B 154 16.48 -4.12 -3.58
C VAL B 154 15.85 -4.88 -4.76
N HIS B 155 14.77 -4.37 -5.34
CA HIS B 155 14.04 -5.02 -6.45
C HIS B 155 14.83 -4.93 -7.76
N ALA B 156 15.27 -6.09 -8.30
CA ALA B 156 16.13 -6.16 -9.52
C ALA B 156 15.37 -6.58 -10.79
N ALA B 157 14.39 -7.47 -10.70
CA ALA B 157 13.74 -8.05 -11.89
C ALA B 157 12.42 -8.74 -11.51
N ALA B 158 11.57 -8.98 -12.50
CA ALA B 158 10.31 -9.72 -12.34
C ALA B 158 9.93 -10.37 -13.66
N THR B 159 9.29 -11.53 -13.61
CA THR B 159 8.73 -12.10 -14.86
C THR B 159 7.50 -11.31 -15.29
N LYS B 160 7.38 -11.06 -16.59
CA LYS B 160 6.28 -10.25 -17.19
C LYS B 160 4.96 -10.87 -16.75
N SER B 161 4.91 -12.18 -16.67
CA SER B 161 3.62 -12.82 -16.35
C SER B 161 3.59 -13.11 -14.87
N GLY B 162 4.38 -14.09 -14.50
CA GLY B 162 4.01 -14.94 -13.38
C GLY B 162 4.14 -14.25 -12.05
N ASN B 163 4.77 -14.97 -11.15
CA ASN B 163 4.71 -14.70 -9.71
C ASN B 163 6.09 -14.26 -9.23
N THR B 164 7.16 -14.41 -10.06
CA THR B 164 8.55 -14.50 -9.61
C THR B 164 9.24 -13.12 -9.71
N VAL B 165 9.93 -12.77 -8.64
CA VAL B 165 10.74 -11.53 -8.45
C VAL B 165 12.14 -11.92 -8.01
N VAL B 166 13.10 -11.06 -8.31
CA VAL B 166 14.47 -11.20 -7.78
C VAL B 166 14.83 -9.96 -6.96
N CYS B 167 15.27 -10.22 -5.72
CA CYS B 167 15.79 -9.24 -4.71
C CYS B 167 17.33 -9.29 -4.72
N ALA B 168 18.02 -8.26 -5.25
CA ALA B 168 19.49 -8.28 -5.27
C ALA B 168 19.97 -8.00 -3.84
N VAL B 169 21.02 -8.71 -3.41
CA VAL B 169 21.52 -8.67 -2.01
C VAL B 169 22.99 -8.23 -1.98
N GLN B 170 23.36 -7.71 -0.80
CA GLN B 170 24.72 -7.27 -0.47
C GLN B 170 25.64 -8.51 -0.54
N ALA B 171 26.87 -8.32 -0.98
CA ALA B 171 27.99 -9.28 -0.88
C ALA B 171 27.65 -10.62 -1.53
S DMS C . 2.37 6.21 6.16
O DMS C . 1.06 6.82 6.78
C1 DMS C . 1.94 4.86 5.08
C2 DMS C . 2.89 7.32 4.85
P PO4 D . -20.22 -13.25 0.95
O1 PO4 D . -18.80 -13.85 1.32
O2 PO4 D . -20.62 -13.67 -0.43
O3 PO4 D . -21.24 -13.77 1.96
O4 PO4 D . -20.16 -11.73 1.01
N1 MUK E . 2.99 -19.39 3.76
N3 MUK E . 2.61 -17.14 3.99
C4 MUK E . 2.93 -20.48 2.99
C5 MUK E . 2.60 -18.23 3.23
C6 MUK E . 1.84 -15.96 3.93
C7 MUK E . 0.89 -15.72 2.95
C8 MUK E . 0.19 -14.53 2.95
C10 MUK E . 1.39 -13.81 4.89
C1 MUK E . 1.65 -18.95 -0.20
C2 MUK E . 2.12 -19.17 1.20
C3 MUK E . 2.50 -20.40 1.68
N2 MUK E . 2.15 -18.09 1.96
C9 MUK E . 0.45 -13.57 3.92
C11 MUK E . 2.10 -15.00 4.89
C12 MUK E . 3.40 -21.75 3.62
#